data_8ERG
#
_entry.id   8ERG
#
_cell.length_a   74.620
_cell.length_b   74.620
_cell.length_c   73.782
_cell.angle_alpha   90.000
_cell.angle_beta   90.000
_cell.angle_gamma   120.000
#
_symmetry.space_group_name_H-M   'P 6 2 2'
#
loop_
_entity.id
_entity.type
_entity.pdbx_description
1 polymer 'capsid protein p24'
2 non-polymer 'SULFATE ION'
3 water water
#
_entity_poly.entity_id   1
_entity_poly.type   'polypeptide(L)'
_entity_poly.pdbx_seq_one_letter_code
;PVMHPHGVPPSHRPWQMKDLQAIKQEVSQAAPGSPQFMQTIRLAVQQFDPTAKDLQDLLQYLCSSLVASLHHQQLDSLIS
EAETRGITGYNPLAGPLRVQANNPQQQGLRREYQQLWLTAFAALPGS
;
_entity_poly.pdbx_strand_id   A
#
loop_
_chem_comp.id
_chem_comp.type
_chem_comp.name
_chem_comp.formula
SO4 non-polymer 'SULFATE ION' 'O4 S -2'
#
# COMPACT_ATOMS: atom_id res chain seq x y z
N PRO A 1 1.20 -7.34 7.58
CA PRO A 1 0.44 -6.48 8.50
C PRO A 1 1.22 -6.10 9.76
N VAL A 2 1.05 -4.85 10.19
CA VAL A 2 1.63 -4.38 11.45
C VAL A 2 0.59 -4.65 12.52
N MET A 3 0.80 -5.71 13.29
CA MET A 3 -0.17 -6.12 14.30
C MET A 3 -0.13 -5.21 15.50
N HIS A 4 -1.27 -5.14 16.20
CA HIS A 4 -1.40 -4.33 17.41
C HIS A 4 -2.14 -5.15 18.46
N PRO A 5 -1.47 -6.16 19.03
CA PRO A 5 -2.11 -7.02 20.04
C PRO A 5 -2.45 -6.24 21.31
N PRO A 9 3.88 -2.54 21.32
CA PRO A 9 5.10 -2.42 20.52
C PRO A 9 4.87 -2.90 19.09
N PRO A 10 4.91 -1.99 18.11
CA PRO A 10 4.49 -2.35 16.75
C PRO A 10 5.26 -3.55 16.23
N SER A 11 4.52 -4.56 15.77
CA SER A 11 5.08 -5.84 15.36
C SER A 11 4.52 -6.21 13.99
N HIS A 12 5.42 -6.56 13.07
CA HIS A 12 5.01 -6.99 11.74
C HIS A 12 4.78 -8.49 11.70
N ARG A 13 3.70 -8.90 11.03
CA ARG A 13 3.37 -10.29 10.85
C ARG A 13 2.95 -10.45 9.38
N PRO A 14 3.39 -11.53 8.72
CA PRO A 14 3.14 -11.64 7.28
C PRO A 14 1.66 -11.75 6.96
N TRP A 15 1.35 -11.58 5.67
CA TRP A 15 -0.02 -11.73 5.21
C TRP A 15 -0.52 -13.14 5.50
N GLN A 16 -1.78 -13.23 5.93
CA GLN A 16 -2.46 -14.52 6.12
C GLN A 16 -3.28 -14.82 4.88
N MET A 17 -3.15 -16.05 4.37
CA MET A 17 -3.81 -16.40 3.12
C MET A 17 -5.32 -16.25 3.23
N LYS A 18 -5.90 -16.56 4.40
N LYS A 18 -5.90 -16.56 4.39
CA LYS A 18 -7.33 -16.40 4.58
CA LYS A 18 -7.33 -16.38 4.57
C LYS A 18 -7.75 -14.94 4.47
C LYS A 18 -7.74 -14.93 4.42
N ASP A 19 -6.89 -14.00 4.88
CA ASP A 19 -7.18 -12.59 4.72
C ASP A 19 -7.03 -12.16 3.27
N LEU A 20 -5.96 -12.60 2.61
CA LEU A 20 -5.75 -12.29 1.20
C LEU A 20 -6.90 -12.84 0.36
N GLN A 21 -7.34 -14.07 0.64
CA GLN A 21 -8.42 -14.67 -0.15
C GLN A 21 -9.72 -13.88 0.01
N ALA A 22 -9.98 -13.36 1.21
CA ALA A 22 -11.18 -12.56 1.42
C ALA A 22 -11.12 -11.27 0.62
N ILE A 23 -9.93 -10.66 0.53
CA ILE A 23 -9.79 -9.43 -0.24
C ILE A 23 -9.97 -9.71 -1.73
N LYS A 24 -9.33 -10.76 -2.24
CA LYS A 24 -9.38 -11.03 -3.67
C LYS A 24 -10.81 -11.32 -4.13
N GLN A 25 -11.56 -12.09 -3.35
CA GLN A 25 -12.92 -12.44 -3.76
C GLN A 25 -13.87 -11.25 -3.65
N GLU A 26 -13.54 -10.25 -2.84
CA GLU A 26 -14.36 -9.04 -2.80
C GLU A 26 -14.14 -8.19 -4.04
N VAL A 27 -12.96 -8.28 -4.67
CA VAL A 27 -12.65 -7.54 -5.88
C VAL A 27 -12.54 -8.48 -7.08
N SER A 28 -13.13 -9.67 -7.01
CA SER A 28 -13.06 -10.60 -8.12
C SER A 28 -13.64 -10.01 -9.39
N GLN A 29 -14.65 -9.14 -9.25
CA GLN A 29 -15.27 -8.50 -10.41
C GLN A 29 -15.08 -6.99 -10.34
N ALA A 30 -13.83 -6.56 -10.14
CA ALA A 30 -13.51 -5.14 -10.02
C ALA A 30 -12.11 -4.92 -10.59
N ALA A 31 -12.03 -4.14 -11.66
CA ALA A 31 -10.74 -3.84 -12.26
C ALA A 31 -9.90 -3.00 -11.29
N PRO A 32 -8.58 -3.12 -11.35
CA PRO A 32 -7.73 -2.29 -10.47
C PRO A 32 -7.99 -0.82 -10.70
N GLY A 33 -8.24 -0.10 -9.61
CA GLY A 33 -8.53 1.32 -9.66
C GLY A 33 -10.01 1.66 -9.68
N SER A 34 -10.88 0.68 -9.93
CA SER A 34 -12.30 0.95 -9.95
C SER A 34 -12.80 1.34 -8.56
N PRO A 35 -13.99 1.93 -8.47
CA PRO A 35 -14.51 2.32 -7.15
C PRO A 35 -14.61 1.15 -6.17
N GLN A 36 -15.14 0.01 -6.62
CA GLN A 36 -15.22 -1.15 -5.74
C GLN A 36 -13.84 -1.62 -5.33
N PHE A 37 -12.88 -1.59 -6.25
CA PHE A 37 -11.50 -1.97 -5.91
C PHE A 37 -10.95 -1.08 -4.81
N MET A 38 -10.98 0.24 -5.03
CA MET A 38 -10.42 1.17 -4.06
C MET A 38 -11.10 1.06 -2.70
N GLN A 39 -12.43 0.96 -2.69
CA GLN A 39 -13.15 0.81 -1.43
C GLN A 39 -12.65 -0.39 -0.64
N THR A 40 -12.41 -1.52 -1.34
CA THR A 40 -12.01 -2.73 -0.65
C THR A 40 -10.60 -2.62 -0.10
N ILE A 41 -9.65 -2.14 -0.91
CA ILE A 41 -8.27 -2.08 -0.44
C ILE A 41 -8.09 -0.98 0.59
N ARG A 42 -8.91 0.07 0.54
CA ARG A 42 -8.84 1.09 1.57
C ARG A 42 -9.19 0.53 2.93
N LEU A 43 -10.20 -0.35 2.99
CA LEU A 43 -10.55 -0.98 4.26
C LEU A 43 -9.52 -2.02 4.67
N ALA A 44 -8.91 -2.72 3.70
CA ALA A 44 -7.87 -3.67 4.03
C ALA A 44 -6.62 -2.97 4.56
N VAL A 45 -6.27 -1.82 3.97
CA VAL A 45 -5.15 -1.05 4.49
C VAL A 45 -5.45 -0.58 5.91
N GLN A 46 -6.69 -0.16 6.17
CA GLN A 46 -7.08 0.30 7.49
C GLN A 46 -7.03 -0.84 8.51
N GLN A 47 -7.48 -2.03 8.11
CA GLN A 47 -7.55 -3.14 9.05
C GLN A 47 -6.17 -3.70 9.38
N PHE A 48 -5.32 -3.87 8.37
CA PHE A 48 -4.07 -4.60 8.55
C PHE A 48 -2.85 -3.70 8.70
N ASP A 49 -2.99 -2.40 8.48
CA ASP A 49 -1.90 -1.44 8.64
C ASP A 49 -0.62 -1.96 7.97
N PRO A 50 -0.65 -2.20 6.67
CA PRO A 50 0.48 -2.86 6.02
C PRO A 50 1.69 -1.96 5.84
N THR A 51 2.87 -2.57 5.89
CA THR A 51 4.11 -1.90 5.58
C THR A 51 4.26 -1.74 4.07
N ALA A 52 5.32 -1.02 3.66
CA ALA A 52 5.60 -0.88 2.25
C ALA A 52 5.81 -2.24 1.59
N LYS A 53 6.53 -3.14 2.26
CA LYS A 53 6.74 -4.49 1.72
C LYS A 53 5.42 -5.24 1.62
N ASP A 54 4.57 -5.12 2.65
CA ASP A 54 3.26 -5.78 2.60
C ASP A 54 2.43 -5.26 1.42
N LEU A 55 2.42 -3.94 1.23
CA LEU A 55 1.67 -3.36 0.11
C LEU A 55 2.24 -3.84 -1.22
N GLN A 56 3.56 -3.97 -1.31
CA GLN A 56 4.17 -4.58 -2.48
C GLN A 56 3.57 -5.96 -2.73
N ASP A 57 3.56 -6.81 -1.70
CA ASP A 57 3.03 -8.16 -1.85
C ASP A 57 1.55 -8.14 -2.23
N LEU A 58 0.78 -7.26 -1.60
CA LEU A 58 -0.65 -7.21 -1.89
C LEU A 58 -0.93 -6.83 -3.34
N LEU A 59 -0.16 -5.88 -3.87
CA LEU A 59 -0.32 -5.49 -5.27
C LEU A 59 -0.04 -6.66 -6.19
N GLN A 60 1.04 -7.40 -5.94
CA GLN A 60 1.38 -8.53 -6.78
C GLN A 60 0.27 -9.58 -6.76
N TYR A 61 -0.36 -9.77 -5.59
CA TYR A 61 -1.36 -10.81 -5.44
C TYR A 61 -2.66 -10.47 -6.16
N LEU A 62 -3.02 -9.19 -6.21
CA LEU A 62 -4.33 -8.79 -6.71
C LEU A 62 -4.32 -8.36 -8.17
N CYS A 63 -3.18 -7.90 -8.70
CA CYS A 63 -3.13 -7.34 -10.04
C CYS A 63 -2.10 -8.09 -10.89
N SER A 64 -2.29 -8.01 -12.20
CA SER A 64 -1.35 -8.61 -13.13
C SER A 64 -0.04 -7.83 -13.14
N SER A 65 0.95 -8.40 -13.84
CA SER A 65 2.27 -7.77 -13.85
C SER A 65 2.23 -6.39 -14.50
N LEU A 66 1.52 -6.27 -15.63
CA LEU A 66 1.42 -4.98 -16.30
C LEU A 66 0.85 -3.92 -15.37
N VAL A 67 -0.23 -4.26 -14.66
CA VAL A 67 -0.82 -3.31 -13.72
C VAL A 67 0.12 -3.05 -12.56
N ALA A 68 0.64 -4.11 -11.95
CA ALA A 68 1.55 -3.94 -10.83
C ALA A 68 2.79 -3.14 -11.23
N SER A 69 3.36 -3.46 -12.39
CA SER A 69 4.51 -2.70 -12.89
C SER A 69 4.18 -1.21 -12.97
N LEU A 70 3.02 -0.89 -13.54
CA LEU A 70 2.65 0.51 -13.71
C LEU A 70 2.38 1.17 -12.36
N HIS A 71 1.69 0.48 -11.45
CA HIS A 71 1.45 1.06 -10.13
C HIS A 71 2.76 1.34 -9.42
N HIS A 72 3.68 0.38 -9.41
CA HIS A 72 4.97 0.58 -8.78
C HIS A 72 5.65 1.82 -9.34
N GLN A 73 5.61 1.99 -10.66
CA GLN A 73 6.21 3.18 -11.27
C GLN A 73 5.50 4.45 -10.80
N GLN A 74 4.17 4.48 -10.95
CA GLN A 74 3.41 5.66 -10.54
C GLN A 74 3.72 6.04 -9.09
N LEU A 75 3.80 5.05 -8.20
CA LEU A 75 4.09 5.35 -6.81
C LEU A 75 5.49 5.92 -6.63
N ASP A 76 6.47 5.38 -7.37
CA ASP A 76 7.82 5.93 -7.30
C ASP A 76 7.81 7.42 -7.62
N SER A 77 7.07 7.83 -8.64
CA SER A 77 6.94 9.26 -8.95
C SER A 77 6.17 9.98 -7.86
N LEU A 78 5.09 9.37 -7.35
CA LEU A 78 4.34 9.99 -6.27
C LEU A 78 5.23 10.21 -5.04
N ILE A 79 6.15 9.27 -4.78
CA ILE A 79 7.02 9.41 -3.62
C ILE A 79 7.98 10.57 -3.81
N SER A 80 8.66 10.63 -4.96
CA SER A 80 9.58 11.73 -5.21
C SER A 80 8.83 13.06 -5.26
N GLU A 81 7.62 13.06 -5.80
CA GLU A 81 6.80 14.27 -5.77
C GLU A 81 6.47 14.66 -4.34
N ALA A 82 6.02 13.68 -3.54
CA ALA A 82 5.66 13.97 -2.15
C ALA A 82 6.87 14.46 -1.37
N GLU A 83 8.05 13.87 -1.62
CA GLU A 83 9.24 14.31 -0.92
C GLU A 83 9.58 15.76 -1.25
N THR A 84 9.51 16.12 -2.55
CA THR A 84 9.67 17.51 -2.93
C THR A 84 8.56 18.38 -2.37
N ARG A 85 7.39 17.79 -2.12
CA ARG A 85 6.19 18.51 -1.75
C ARG A 85 5.98 18.59 -0.24
N GLY A 86 6.76 17.86 0.54
CA GLY A 86 6.62 17.87 1.99
C GLY A 86 5.82 16.71 2.52
N ILE A 87 6.39 15.97 3.48
CA ILE A 87 5.75 14.81 4.06
C ILE A 87 5.83 14.89 5.57
N THR A 88 4.85 14.30 6.25
CA THR A 88 4.82 14.27 7.70
C THR A 88 5.51 13.01 8.21
N GLY A 89 6.27 13.16 9.30
CA GLY A 89 6.99 12.04 9.87
C GLY A 89 8.17 11.57 9.06
N TYR A 90 8.53 12.27 7.99
CA TYR A 90 9.60 11.85 7.10
C TYR A 90 10.91 12.49 7.56
N ASN A 91 11.81 11.67 8.09
CA ASN A 91 13.18 12.10 8.37
C ASN A 91 14.00 11.92 7.10
N PRO A 92 14.29 13.00 6.35
CA PRO A 92 15.00 12.83 5.08
C PRO A 92 16.38 12.20 5.21
N LEU A 93 16.94 12.15 6.42
CA LEU A 93 18.25 11.55 6.64
C LEU A 93 18.18 10.09 7.02
N ALA A 94 16.99 9.52 7.18
CA ALA A 94 16.82 8.17 7.69
C ALA A 94 16.68 7.12 6.60
N GLY A 95 17.01 7.47 5.35
CA GLY A 95 16.99 6.52 4.27
C GLY A 95 15.77 6.66 3.39
N PRO A 96 15.65 5.79 2.39
CA PRO A 96 14.51 5.89 1.47
C PRO A 96 13.18 5.77 2.19
N LEU A 97 12.19 6.52 1.67
CA LEU A 97 10.85 6.50 2.23
C LEU A 97 10.32 5.07 2.33
N ARG A 98 10.60 4.25 1.31
CA ARG A 98 10.13 2.86 1.31
C ARG A 98 10.74 2.08 2.46
N VAL A 99 12.00 2.35 2.79
CA VAL A 99 12.65 1.65 3.90
C VAL A 99 12.07 2.11 5.22
N GLN A 100 11.86 3.42 5.38
CA GLN A 100 11.28 3.92 6.62
C GLN A 100 9.86 3.43 6.82
N ALA A 101 9.12 3.23 5.73
CA ALA A 101 7.75 2.72 5.81
C ALA A 101 7.70 1.24 6.17
N ASN A 102 8.85 0.56 6.25
CA ASN A 102 8.90 -0.82 6.73
C ASN A 102 9.24 -0.91 8.21
N ASN A 103 9.62 0.21 8.84
CA ASN A 103 9.90 0.24 10.27
C ASN A 103 8.57 0.30 11.02
N PRO A 104 8.17 -0.77 11.71
CA PRO A 104 6.86 -0.74 12.39
C PRO A 104 6.70 0.41 13.36
N GLN A 105 7.81 0.98 13.85
CA GLN A 105 7.71 2.10 14.79
C GLN A 105 7.15 3.34 14.10
N GLN A 106 7.59 3.61 12.88
CA GLN A 106 7.19 4.83 12.16
C GLN A 106 5.78 4.66 11.60
N GLN A 107 4.82 4.61 12.51
CA GLN A 107 3.42 4.45 12.12
C GLN A 107 2.94 5.66 11.33
N GLY A 108 3.18 6.86 11.86
CA GLY A 108 2.75 8.06 11.16
C GLY A 108 3.23 8.09 9.73
N LEU A 109 4.52 7.83 9.53
CA LEU A 109 5.07 7.75 8.19
C LEU A 109 4.40 6.63 7.38
N ARG A 110 4.27 5.45 7.98
CA ARG A 110 3.64 4.33 7.29
C ARG A 110 2.26 4.71 6.78
N ARG A 111 1.47 5.40 7.59
CA ARG A 111 0.13 5.80 7.15
C ARG A 111 0.21 6.75 5.96
N GLU A 112 1.18 7.66 5.97
CA GLU A 112 1.40 8.52 4.81
C GLU A 112 1.74 7.69 3.58
N TYR A 113 2.61 6.69 3.73
CA TYR A 113 2.98 5.84 2.61
C TYR A 113 1.76 5.11 2.05
N GLN A 114 0.90 4.60 2.94
CA GLN A 114 -0.29 3.88 2.49
C GLN A 114 -1.16 4.74 1.59
N GLN A 115 -1.30 6.03 1.93
CA GLN A 115 -2.14 6.91 1.13
C GLN A 115 -1.53 7.17 -0.24
N LEU A 116 -0.20 7.30 -0.30
CA LEU A 116 0.45 7.41 -1.61
C LEU A 116 0.29 6.12 -2.40
N TRP A 117 0.43 4.97 -1.74
CA TRP A 117 0.21 3.70 -2.40
C TRP A 117 -1.20 3.61 -2.95
N LEU A 118 -2.19 4.01 -2.14
CA LEU A 118 -3.57 4.02 -2.62
C LEU A 118 -3.76 5.00 -3.76
N THR A 119 -3.18 6.20 -3.64
CA THR A 119 -3.33 7.21 -4.68
C THR A 119 -2.69 6.77 -5.99
N ALA A 120 -1.63 5.96 -5.92
CA ALA A 120 -0.94 5.55 -7.14
C ALA A 120 -1.86 4.81 -8.10
N PHE A 121 -2.96 4.24 -7.61
CA PHE A 121 -3.92 3.59 -8.49
C PHE A 121 -4.66 4.57 -9.39
N ALA A 122 -4.52 5.88 -9.14
CA ALA A 122 -5.24 6.86 -9.95
C ALA A 122 -4.79 6.85 -11.40
N ALA A 123 -3.54 6.44 -11.66
CA ALA A 123 -3.06 6.36 -13.04
C ALA A 123 -3.74 5.26 -13.84
N LEU A 124 -4.57 4.44 -13.21
CA LEU A 124 -5.26 3.34 -13.89
C LEU A 124 -6.64 3.79 -14.36
N PRO A 125 -7.10 3.34 -15.52
CA PRO A 125 -8.43 3.76 -15.99
C PRO A 125 -9.55 3.39 -15.03
N GLY A 126 -9.33 2.41 -14.15
CA GLY A 126 -10.37 1.97 -13.24
C GLY A 126 -11.44 1.10 -13.85
N SER A 127 -11.29 0.72 -15.11
CA SER A 127 -12.29 -0.10 -15.79
C SER A 127 -11.62 -1.26 -16.53
S SO4 B . 4.35 -1.34 -4.89
O1 SO4 B . 4.74 -2.56 -5.56
O2 SO4 B . 3.78 -0.40 -5.85
O3 SO4 B . 3.36 -1.65 -3.85
O4 SO4 B . 5.52 -0.73 -4.26
#